data_6B08
#
_entry.id   6B08
#
_cell.length_a   139.351
_cell.length_b   70.264
_cell.length_c   83.742
_cell.angle_alpha   90.00
_cell.angle_beta   90.45
_cell.angle_gamma   90.00
#
_symmetry.space_group_name_H-M   'C 1 2 1'
#
loop_
_entity.id
_entity.type
_entity.pdbx_description
1 polymer '1276 antibody, heavy chain'
2 polymer '1276 antibody, light chain'
3 polymer Pfs25
4 non-polymer GLYCEROL
5 water water
#
loop_
_entity_poly.entity_id
_entity_poly.type
_entity_poly.pdbx_seq_one_letter_code
_entity_poly.pdbx_strand_id
1 'polypeptide(L)'
;QVQLVQSGPEVKKPGASVKVSCKASGYTFTDYYIHWVRQAPGQGLEWMGWINPNSGGTNYAQNFQDWVTMTRDTSITTAY
MELSSLRSDDTAVYYCARDRITTAAPFDYWGQGTLVTVSSASTKGPSVFPLAPSSKSTSGGTAALGCLVKDYFPEPVTVS
WNSGALTSGVHTFPAVLQSSGLYSLSSVVTVPSSSLGTQTYICNVNHKPSNTKVDKKVEPKSC
;
C
2 'polypeptide(L)'
;SYVLTQPPSVSVAPGKTAKITCGGNNIGSKSVHWYQQKPGQAPVLVMYYDFDRPSGIPERFSGSNSGNTATLTISRVEAE
DEADYYCQVWDSDRYWVFGGGTKLTVLGQPKAAPSVTLFPPSSEELQANKATLVCLISDFYPGAVTVAWKADSSPVKAGV
ETTTPSKQSNNKYAASSYLSLTPEQWKSHRSYSCQVTHEGSTVEKTVAPTECS
;
B
3 'polypeptide(L)'
;TGAKVTVDTVCKRGFLIQMSGHLECKCENDLVLVNEETCEEKVLKCDEKTVNKPCGDFSKCIKIDGNPVSYACKCNLGYD
MVNNVCIPNECKQVTCGNGKCILDTSNPVKTGVCSCNIGKVPNVQDQNKCSKDGETKCSLKCLKEQETCKAVDGIYKCDC
KDGFIIDQESSICTGTKHHHHHH
;
A
#
# COMPACT_ATOMS: atom_id res chain seq x y z
N GLN A 1 3.22 9.71 18.77
CA GLN A 1 2.61 9.06 17.62
C GLN A 1 3.50 9.15 16.39
N VAL A 2 3.80 8.00 15.81
CA VAL A 2 4.62 7.96 14.60
C VAL A 2 3.84 8.55 13.43
N GLN A 3 4.46 9.49 12.71
CA GLN A 3 3.84 10.16 11.58
C GLN A 3 4.87 10.40 10.49
N LEU A 4 4.47 10.13 9.26
CA LEU A 4 5.23 10.49 8.06
C LEU A 4 4.35 11.40 7.22
N VAL A 5 4.69 12.69 7.17
CA VAL A 5 3.88 13.68 6.47
C VAL A 5 4.67 14.17 5.25
N GLN A 6 4.16 13.87 4.06
CA GLN A 6 4.85 14.25 2.84
C GLN A 6 4.40 15.64 2.39
N SER A 7 5.14 16.19 1.44
CA SER A 7 4.78 17.48 0.86
C SER A 7 3.67 17.30 -0.18
N GLY A 8 3.08 18.44 -0.60
CA GLY A 8 1.88 18.42 -1.39
C GLY A 8 2.12 18.04 -2.84
N PRO A 9 1.05 17.99 -3.63
CA PRO A 9 1.16 17.52 -5.02
C PRO A 9 1.89 18.51 -5.90
N GLU A 10 2.48 17.99 -6.97
CA GLU A 10 3.36 18.76 -7.85
C GLU A 10 2.94 18.57 -9.31
N VAL A 11 2.98 19.65 -10.06
CA VAL A 11 2.72 19.64 -11.50
C VAL A 11 3.93 20.24 -12.19
N LYS A 12 4.52 19.48 -13.10
CA LYS A 12 5.83 19.78 -13.65
C LYS A 12 5.82 19.51 -15.16
N LYS A 13 6.66 20.24 -15.86
CA LYS A 13 6.98 20.13 -17.27
C LYS A 13 8.07 19.06 -17.46
N PRO A 14 8.07 18.37 -18.60
CA PRO A 14 9.17 17.46 -18.90
C PRO A 14 10.50 18.20 -18.92
N GLY A 15 11.53 17.55 -18.40
CA GLY A 15 12.84 18.16 -18.28
C GLY A 15 13.08 18.86 -16.96
N ALA A 16 12.03 19.12 -16.20
CA ALA A 16 12.18 19.79 -14.92
C ALA A 16 12.61 18.78 -13.86
N SER A 17 12.72 19.25 -12.62
CA SER A 17 12.99 18.38 -11.50
C SER A 17 12.07 18.78 -10.35
N VAL A 18 11.86 17.84 -9.43
CA VAL A 18 11.02 18.08 -8.27
C VAL A 18 11.67 17.40 -7.08
N LYS A 19 11.43 17.97 -5.90
CA LYS A 19 12.01 17.46 -4.66
C LYS A 19 10.87 17.30 -3.66
N VAL A 20 10.61 16.05 -3.27
CA VAL A 20 9.50 15.70 -2.37
C VAL A 20 10.07 15.40 -0.99
N SER A 21 9.46 15.97 0.04
CA SER A 21 9.93 15.78 1.40
C SER A 21 9.04 14.81 2.16
N CYS A 22 9.60 14.23 3.21
CA CYS A 22 8.89 13.27 4.05
C CYS A 22 9.26 13.62 5.49
N LYS A 23 8.33 14.25 6.19
CA LYS A 23 8.58 14.73 7.53
C LYS A 23 8.28 13.61 8.52
N ALA A 24 9.29 13.21 9.28
CA ALA A 24 9.14 12.16 10.27
C ALA A 24 9.00 12.77 11.67
N SER A 25 8.22 12.09 12.52
CA SER A 25 8.01 12.56 13.88
C SER A 25 7.47 11.41 14.72
N GLY A 26 7.66 11.54 16.04
CA GLY A 26 7.14 10.58 16.99
C GLY A 26 8.01 9.36 17.23
N TYR A 27 9.20 9.28 16.61
CA TYR A 27 10.07 8.13 16.80
C TYR A 27 11.51 8.56 16.60
N THR A 28 12.43 7.72 17.08
CA THR A 28 13.87 7.93 16.88
C THR A 28 14.19 7.82 15.39
N PHE A 29 14.47 8.98 14.77
CA PHE A 29 14.66 9.07 13.32
C PHE A 29 15.76 8.14 12.82
N THR A 30 16.89 8.09 13.54
CA THR A 30 18.07 7.34 13.11
C THR A 30 17.96 5.84 13.33
N ASP A 31 16.83 5.32 13.83
CA ASP A 31 16.67 3.89 14.06
C ASP A 31 15.91 3.18 12.95
N TYR A 32 15.46 3.90 11.92
CA TYR A 32 14.57 3.36 10.90
C TYR A 32 15.03 3.80 9.52
N TYR A 33 14.96 2.89 8.54
CA TYR A 33 15.14 3.28 7.15
C TYR A 33 13.98 4.14 6.70
N ILE A 34 14.22 4.92 5.64
CA ILE A 34 13.16 5.62 4.93
C ILE A 34 13.17 5.08 3.52
N HIS A 35 12.09 4.40 3.13
CA HIS A 35 11.95 3.86 1.79
C HIS A 35 11.06 4.78 0.95
N TRP A 36 11.24 4.68 -0.36
CA TRP A 36 10.38 5.37 -1.30
C TRP A 36 9.77 4.34 -2.25
N VAL A 37 8.47 4.45 -2.47
CA VAL A 37 7.71 3.49 -3.26
C VAL A 37 6.91 4.25 -4.32
N ARG A 38 7.01 3.82 -5.57
CA ARG A 38 6.35 4.45 -6.70
C ARG A 38 5.11 3.67 -7.10
N GLN A 39 4.02 4.40 -7.40
CA GLN A 39 2.77 3.79 -7.87
C GLN A 39 2.25 4.65 -9.02
N ALA A 40 2.46 4.19 -10.25
CA ALA A 40 1.87 4.85 -11.41
C ALA A 40 0.36 4.63 -11.41
N PRO A 41 -0.40 5.56 -11.98
CA PRO A 41 -1.86 5.45 -11.90
C PRO A 41 -2.35 4.12 -12.44
N GLY A 42 -3.20 3.45 -11.66
CA GLY A 42 -3.70 2.14 -11.99
C GLY A 42 -2.72 0.99 -11.80
N GLN A 43 -1.50 1.26 -11.33
CA GLN A 43 -0.44 0.26 -11.30
C GLN A 43 -0.17 -0.18 -9.86
N GLY A 44 0.82 -1.06 -9.71
CA GLY A 44 1.18 -1.61 -8.43
C GLY A 44 2.32 -0.85 -7.76
N LEU A 45 2.64 -1.28 -6.54
CA LEU A 45 3.71 -0.67 -5.77
C LEU A 45 5.07 -1.08 -6.32
N GLU A 46 6.01 -0.14 -6.32
CA GLU A 46 7.32 -0.32 -6.93
C GLU A 46 8.38 0.25 -5.98
N TRP A 47 9.14 -0.63 -5.32
CA TRP A 47 10.17 -0.16 -4.40
C TRP A 47 11.26 0.57 -5.16
N MET A 48 11.56 1.80 -4.72
CA MET A 48 12.58 2.59 -5.40
C MET A 48 13.92 2.58 -4.67
N GLY A 49 13.93 2.43 -3.36
CA GLY A 49 15.18 2.41 -2.62
C GLY A 49 14.96 2.92 -1.21
N TRP A 50 16.06 2.92 -0.46
CA TRP A 50 16.03 3.41 0.90
C TRP A 50 17.17 4.40 1.11
N ILE A 51 17.08 5.17 2.18
CA ILE A 51 18.21 5.94 2.67
C ILE A 51 18.36 5.66 4.16
N ASN A 52 19.61 5.51 4.60
CA ASN A 52 19.91 5.31 6.00
C ASN A 52 20.09 6.67 6.66
N PRO A 53 19.20 7.09 7.55
CA PRO A 53 19.36 8.41 8.19
C PRO A 53 20.66 8.56 8.96
N ASN A 54 21.25 7.48 9.43
CA ASN A 54 22.52 7.54 10.16
C ASN A 54 23.65 7.98 9.25
N SER A 55 24.15 7.05 8.45
CA SER A 55 25.32 7.30 7.61
C SER A 55 24.99 8.12 6.36
N GLY A 56 23.72 8.35 6.07
CA GLY A 56 23.34 8.94 4.80
C GLY A 56 23.40 8.00 3.63
N GLY A 57 23.77 6.73 3.86
CA GLY A 57 23.89 5.78 2.77
C GLY A 57 22.57 5.53 2.06
N THR A 58 22.67 5.09 0.81
CA THR A 58 21.53 4.85 -0.04
C THR A 58 21.64 3.47 -0.65
N ASN A 59 20.48 2.93 -1.03
CA ASN A 59 20.39 1.62 -1.67
C ASN A 59 19.26 1.73 -2.69
N TYR A 60 19.62 2.01 -3.93
CA TYR A 60 18.67 2.28 -5.00
C TYR A 60 18.25 0.99 -5.69
N ALA A 61 16.95 0.87 -5.95
CA ALA A 61 16.46 -0.22 -6.79
C ALA A 61 17.02 -0.09 -8.21
N GLN A 62 17.07 -1.22 -8.91
CA GLN A 62 17.67 -1.32 -10.25
C GLN A 62 17.31 -0.15 -11.15
N ASN A 63 18.33 0.66 -11.48
CA ASN A 63 18.36 1.74 -12.45
C ASN A 63 17.62 3.01 -12.00
N PHE A 64 16.88 2.99 -10.89
CA PHE A 64 16.24 4.22 -10.41
C PHE A 64 17.27 5.32 -10.07
N GLN A 65 18.51 4.94 -9.80
CA GLN A 65 19.53 5.92 -9.45
C GLN A 65 19.88 6.85 -10.62
N ASP A 66 19.50 6.48 -11.84
CA ASP A 66 19.81 7.32 -12.99
C ASP A 66 19.13 8.69 -12.93
N TRP A 67 18.02 8.81 -12.17
CA TRP A 67 17.25 10.04 -12.14
C TRP A 67 16.62 10.32 -10.78
N VAL A 68 16.97 9.56 -9.74
CA VAL A 68 16.41 9.75 -8.40
C VAL A 68 17.56 9.91 -7.41
N THR A 69 17.50 10.97 -6.60
CA THR A 69 18.47 11.22 -5.54
C THR A 69 17.73 11.27 -4.22
N MET A 70 18.12 10.39 -3.29
CA MET A 70 17.55 10.36 -1.95
C MET A 70 18.51 11.02 -0.97
N THR A 71 18.02 12.01 -0.23
CA THR A 71 18.81 12.69 0.78
C THR A 71 18.01 12.73 2.08
N ARG A 72 18.69 13.13 3.16
CA ARG A 72 18.01 13.26 4.44
C ARG A 72 18.60 14.43 5.20
N ASP A 73 17.79 15.02 6.09
CA ASP A 73 18.22 16.05 7.02
C ASP A 73 17.89 15.58 8.42
N THR A 74 18.88 15.00 9.11
CA THR A 74 18.68 14.59 10.50
C THR A 74 18.36 15.77 11.40
N SER A 75 18.78 16.97 11.01
CA SER A 75 18.53 18.17 11.82
C SER A 75 17.04 18.40 12.02
N ILE A 76 16.23 18.13 11.00
CA ILE A 76 14.78 18.32 11.06
C ILE A 76 14.03 17.03 10.79
N THR A 77 14.74 15.89 10.77
CA THR A 77 14.15 14.56 10.59
C THR A 77 13.22 14.52 9.37
N THR A 78 13.79 14.87 8.22
CA THR A 78 13.07 14.85 6.96
C THR A 78 13.93 14.15 5.92
N ALA A 79 13.33 13.23 5.18
CA ALA A 79 13.96 12.64 4.01
C ALA A 79 13.41 13.28 2.75
N TYR A 80 14.23 13.31 1.70
CA TYR A 80 13.90 13.95 0.45
C TYR A 80 14.16 12.99 -0.70
N MET A 81 13.31 13.11 -1.74
CA MET A 81 13.47 12.34 -2.97
C MET A 81 13.39 13.33 -4.12
N GLU A 82 14.48 13.45 -4.87
CA GLU A 82 14.55 14.39 -5.98
C GLU A 82 14.52 13.61 -7.29
N LEU A 83 13.54 13.91 -8.12
CA LEU A 83 13.43 13.33 -9.46
C LEU A 83 13.99 14.34 -10.46
N SER A 84 14.88 13.87 -11.32
CA SER A 84 15.58 14.71 -12.28
C SER A 84 15.14 14.39 -13.70
N SER A 85 15.25 15.41 -14.57
CA SER A 85 14.93 15.29 -15.99
C SER A 85 13.62 14.56 -16.22
N LEU A 86 12.57 15.07 -15.58
CA LEU A 86 11.27 14.41 -15.56
C LEU A 86 10.78 14.12 -16.98
N ARG A 87 10.11 12.97 -17.12
CA ARG A 87 9.34 12.61 -18.32
C ARG A 87 7.90 12.36 -17.91
N SER A 88 6.98 12.52 -18.88
CA SER A 88 5.56 12.33 -18.62
C SER A 88 5.28 10.96 -17.99
N ASP A 89 6.01 9.93 -18.43
CA ASP A 89 5.86 8.59 -17.86
C ASP A 89 6.20 8.53 -16.39
N ASP A 90 6.89 9.54 -15.84
CA ASP A 90 7.20 9.52 -14.42
C ASP A 90 6.01 9.90 -13.55
N THR A 91 4.88 10.28 -14.15
CA THR A 91 3.66 10.60 -13.41
C THR A 91 3.25 9.42 -12.53
N ALA A 92 3.05 9.70 -11.24
CA ALA A 92 2.80 8.64 -10.28
C ALA A 92 2.58 9.27 -8.91
N VAL A 93 2.07 8.46 -8.00
CA VAL A 93 2.07 8.81 -6.58
C VAL A 93 3.35 8.24 -5.98
N TYR A 94 4.06 9.04 -5.20
CA TYR A 94 5.30 8.61 -4.55
C TYR A 94 5.09 8.59 -3.05
N TYR A 95 5.33 7.44 -2.44
CA TYR A 95 5.18 7.25 -1.01
C TYR A 95 6.54 7.14 -0.33
N CYS A 96 6.62 7.64 0.89
CA CYS A 96 7.70 7.27 1.79
C CYS A 96 7.17 6.31 2.84
N ALA A 97 8.10 5.54 3.43
CA ALA A 97 7.74 4.58 4.46
C ALA A 97 8.98 4.28 5.30
N ARG A 98 8.74 3.77 6.50
CA ARG A 98 9.81 3.43 7.44
C ARG A 98 9.75 1.94 7.77
N ASP A 99 10.91 1.41 8.15
CA ASP A 99 10.99 0.10 8.78
C ASP A 99 12.26 0.10 9.62
N ARG A 100 12.25 -0.71 10.68
CA ARG A 100 13.38 -0.76 11.59
C ARG A 100 14.64 -1.14 10.82
N ILE A 101 15.75 -0.48 11.13
CA ILE A 101 17.02 -0.82 10.52
C ILE A 101 17.41 -2.22 10.99
N THR A 102 17.25 -3.19 10.11
CA THR A 102 17.54 -4.60 10.37
C THR A 102 17.25 -5.34 9.07
N THR A 103 17.14 -6.66 9.10
CA THR A 103 16.91 -7.42 7.87
C THR A 103 15.43 -7.77 7.76
N ALA A 104 14.81 -7.36 6.64
CA ALA A 104 13.47 -7.77 6.27
C ALA A 104 12.38 -7.25 7.22
N ALA A 105 12.59 -6.05 7.84
CA ALA A 105 11.53 -5.54 8.70
C ALA A 105 10.38 -4.95 7.88
N PRO A 106 9.14 -5.11 8.33
CA PRO A 106 7.99 -4.61 7.56
C PRO A 106 7.83 -3.09 7.60
N PHE A 107 7.24 -2.57 6.52
CA PHE A 107 6.98 -1.12 6.39
C PHE A 107 5.73 -0.81 7.20
N ASP A 108 5.92 -0.55 8.51
CA ASP A 108 4.81 -0.41 9.44
C ASP A 108 4.14 0.96 9.39
N TYR A 109 4.81 1.97 8.84
CA TYR A 109 4.26 3.32 8.73
C TYR A 109 4.58 3.89 7.36
N TRP A 110 3.58 4.51 6.74
CA TRP A 110 3.66 5.08 5.41
C TRP A 110 3.25 6.54 5.46
N GLY A 111 3.92 7.37 4.66
CA GLY A 111 3.40 8.70 4.40
C GLY A 111 2.14 8.64 3.54
N GLN A 112 1.46 9.79 3.45
CA GLN A 112 0.21 9.87 2.69
C GLN A 112 0.43 9.82 1.19
N GLY A 113 1.66 9.97 0.73
CA GLY A 113 1.99 9.96 -0.68
C GLY A 113 1.89 11.33 -1.32
N THR A 114 2.74 11.55 -2.33
CA THR A 114 2.76 12.77 -3.12
C THR A 114 2.51 12.41 -4.57
N LEU A 115 1.48 13.02 -5.16
CA LEU A 115 1.23 12.87 -6.59
C LEU A 115 2.14 13.83 -7.36
N VAL A 116 3.00 13.27 -8.21
CA VAL A 116 3.83 14.05 -9.13
C VAL A 116 3.22 13.88 -10.52
N THR A 117 2.71 14.97 -11.09
CA THR A 117 2.07 15.00 -12.40
C THR A 117 3.00 15.70 -13.39
N VAL A 118 3.48 14.96 -14.40
CA VAL A 118 4.39 15.51 -15.40
C VAL A 118 3.66 15.58 -16.73
N SER A 119 3.58 16.78 -17.29
CA SER A 119 2.86 16.98 -18.54
C SER A 119 3.44 18.16 -19.28
N SER A 120 3.59 18.00 -20.60
CA SER A 120 3.94 19.10 -21.48
C SER A 120 2.86 20.16 -21.60
N ALA A 121 1.64 19.88 -21.17
CA ALA A 121 0.59 20.90 -21.22
C ALA A 121 0.90 22.04 -20.28
N SER A 122 0.38 23.22 -20.62
CA SER A 122 0.52 24.45 -19.85
C SER A 122 -0.82 24.83 -19.23
N THR A 123 -0.74 25.62 -18.15
CA THR A 123 -1.93 26.04 -17.43
C THR A 123 -2.89 26.77 -18.38
N LYS A 124 -4.17 26.38 -18.35
CA LYS A 124 -5.15 26.95 -19.27
C LYS A 124 -6.54 26.83 -18.68
N GLY A 125 -7.25 27.96 -18.60
CA GLY A 125 -8.62 27.99 -18.15
C GLY A 125 -9.55 27.27 -19.10
N PRO A 126 -10.70 26.82 -18.61
CA PRO A 126 -11.65 26.09 -19.45
C PRO A 126 -12.56 27.00 -20.26
N SER A 127 -13.01 26.48 -21.40
CA SER A 127 -14.12 27.07 -22.15
C SER A 127 -15.40 26.38 -21.70
N VAL A 128 -16.32 27.14 -21.11
CA VAL A 128 -17.56 26.59 -20.57
C VAL A 128 -18.68 26.80 -21.59
N PHE A 129 -19.31 25.71 -22.03
CA PHE A 129 -20.41 25.81 -22.97
C PHE A 129 -21.68 25.25 -22.34
N PRO A 130 -22.84 25.84 -22.61
CA PRO A 130 -24.08 25.30 -22.04
C PRO A 130 -24.52 24.04 -22.78
N LEU A 131 -25.16 23.17 -22.03
CA LEU A 131 -25.77 21.95 -22.58
C LEU A 131 -27.27 22.15 -22.39
N ALA A 132 -27.91 22.67 -23.43
CA ALA A 132 -29.28 23.12 -23.29
C ALA A 132 -30.22 21.93 -23.13
N PRO A 133 -31.21 22.05 -22.27
CA PRO A 133 -32.29 21.06 -22.25
C PRO A 133 -33.11 21.15 -23.52
N SER A 134 -33.59 19.99 -23.98
CA SER A 134 -34.46 19.90 -25.12
C SER A 134 -35.38 18.70 -24.92
N SER A 135 -36.24 18.45 -25.90
CA SER A 135 -37.09 17.27 -25.85
C SER A 135 -36.30 15.98 -26.00
N LYS A 136 -35.08 16.05 -26.56
CA LYS A 136 -34.23 14.86 -26.68
C LYS A 136 -33.51 14.53 -25.38
N SER A 137 -33.31 15.52 -24.50
CA SER A 137 -32.74 15.28 -23.17
C SER A 137 -33.80 15.32 -22.08
N THR A 138 -35.08 15.24 -22.43
CA THR A 138 -36.18 15.22 -21.47
C THR A 138 -36.84 13.84 -21.48
N SER A 139 -37.00 13.26 -20.29
CA SER A 139 -37.58 11.92 -20.14
C SER A 139 -38.61 11.97 -19.01
N GLY A 140 -39.88 11.75 -19.35
CA GLY A 140 -40.93 11.66 -18.35
C GLY A 140 -41.11 12.87 -17.45
N GLY A 141 -41.11 14.07 -18.03
CA GLY A 141 -41.38 15.29 -17.28
C GLY A 141 -40.19 15.89 -16.56
N THR A 142 -39.02 15.29 -16.66
CA THR A 142 -37.79 15.82 -16.09
C THR A 142 -36.79 16.04 -17.22
N ALA A 143 -36.20 17.22 -17.26
CA ALA A 143 -35.25 17.58 -18.31
C ALA A 143 -33.83 17.53 -17.77
N ALA A 144 -32.91 17.08 -18.61
CA ALA A 144 -31.49 17.13 -18.32
C ALA A 144 -30.87 18.34 -19.02
N LEU A 145 -30.10 19.11 -18.28
CA LEU A 145 -29.29 20.19 -18.82
C LEU A 145 -27.95 20.13 -18.12
N GLY A 146 -26.95 20.79 -18.68
CA GLY A 146 -25.68 20.84 -17.99
C GLY A 146 -24.72 21.87 -18.51
N CYS A 147 -23.44 21.65 -18.19
CA CYS A 147 -22.35 22.47 -18.69
C CYS A 147 -21.21 21.58 -19.16
N LEU A 148 -20.61 21.97 -20.28
CA LEU A 148 -19.41 21.33 -20.80
C LEU A 148 -18.21 22.20 -20.43
N VAL A 149 -17.31 21.66 -19.61
CA VAL A 149 -16.14 22.38 -19.11
C VAL A 149 -14.94 21.86 -19.90
N LYS A 150 -14.51 22.61 -20.92
CA LYS A 150 -13.67 22.07 -21.98
C LYS A 150 -12.26 22.63 -21.92
N ASP A 151 -11.28 21.75 -22.17
CA ASP A 151 -9.91 22.14 -22.52
C ASP A 151 -9.22 22.96 -21.41
N TYR A 152 -9.12 22.37 -20.22
CA TYR A 152 -8.45 23.04 -19.12
C TYR A 152 -7.26 22.22 -18.63
N PHE A 153 -6.33 22.89 -17.93
CA PHE A 153 -5.18 22.23 -17.32
C PHE A 153 -4.62 23.10 -16.21
N PRO A 154 -4.21 22.53 -15.07
CA PRO A 154 -4.41 21.12 -14.73
C PRO A 154 -5.67 20.95 -13.90
N GLU A 155 -5.94 19.73 -13.44
CA GLU A 155 -6.94 19.50 -12.41
C GLU A 155 -6.64 20.38 -11.19
N PRO A 156 -7.65 20.68 -10.35
CA PRO A 156 -9.07 20.35 -10.52
C PRO A 156 -9.94 21.55 -10.91
N VAL A 157 -11.17 21.29 -11.32
CA VAL A 157 -12.20 22.32 -11.38
C VAL A 157 -13.34 21.88 -10.49
N THR A 158 -14.00 22.83 -9.86
CA THR A 158 -15.22 22.58 -9.12
C THR A 158 -16.40 23.15 -9.90
N VAL A 159 -17.51 22.43 -9.90
CA VAL A 159 -18.77 22.86 -10.46
C VAL A 159 -19.83 22.83 -9.36
N SER A 160 -20.54 23.93 -9.21
CA SER A 160 -21.78 23.98 -8.45
C SER A 160 -22.88 24.53 -9.36
N TRP A 161 -24.11 24.47 -8.88
CA TRP A 161 -25.26 24.96 -9.62
C TRP A 161 -25.98 26.00 -8.78
N ASN A 162 -26.30 27.15 -9.39
CA ASN A 162 -27.00 28.22 -8.70
C ASN A 162 -26.30 28.59 -7.39
N SER A 163 -24.96 28.64 -7.43
CA SER A 163 -24.12 29.04 -6.30
C SER A 163 -24.27 28.11 -5.12
N GLY A 164 -24.56 26.83 -5.39
CA GLY A 164 -24.75 25.84 -4.35
C GLY A 164 -26.19 25.58 -3.98
N ALA A 165 -27.11 26.47 -4.37
CA ALA A 165 -28.52 26.33 -4.00
C ALA A 165 -29.21 25.15 -4.67
N LEU A 166 -28.56 24.50 -5.63
CA LEU A 166 -29.14 23.38 -6.37
C LEU A 166 -28.14 22.23 -6.28
N THR A 167 -28.54 21.14 -5.64
CA THR A 167 -27.66 19.97 -5.53
C THR A 167 -28.43 18.70 -5.86
N SER A 168 -29.73 18.72 -5.62
CA SER A 168 -30.58 17.58 -5.96
C SER A 168 -30.55 17.36 -7.47
N GLY A 169 -30.21 16.16 -7.88
CA GLY A 169 -30.20 15.80 -9.29
C GLY A 169 -28.93 16.15 -10.03
N VAL A 170 -27.93 16.67 -9.34
CA VAL A 170 -26.68 17.09 -9.97
C VAL A 170 -25.72 15.91 -10.03
N HIS A 171 -25.08 15.75 -11.19
CA HIS A 171 -24.05 14.72 -11.39
C HIS A 171 -22.92 15.40 -12.18
N THR A 172 -21.84 15.75 -11.49
CA THR A 172 -20.61 16.23 -12.11
C THR A 172 -19.70 15.04 -12.33
N PHE A 173 -19.27 14.86 -13.53
CA PHE A 173 -18.54 13.66 -13.92
C PHE A 173 -17.04 13.89 -13.85
N PRO A 174 -16.27 12.85 -13.51
CA PRO A 174 -14.81 12.97 -13.58
C PRO A 174 -14.35 13.32 -14.99
N ALA A 175 -13.23 14.04 -15.06
CA ALA A 175 -12.73 14.57 -16.32
C ALA A 175 -12.11 13.51 -17.20
N VAL A 176 -12.19 13.73 -18.52
CA VAL A 176 -11.45 12.96 -19.51
C VAL A 176 -10.13 13.66 -19.77
N LEU A 177 -9.07 12.88 -19.98
CA LEU A 177 -7.77 13.42 -20.36
C LEU A 177 -7.57 13.16 -21.84
N GLN A 178 -7.56 14.24 -22.61
CA GLN A 178 -7.47 14.15 -24.06
C GLN A 178 -6.01 13.99 -24.49
N SER A 179 -5.83 13.52 -25.73
CA SER A 179 -4.50 13.34 -26.27
C SER A 179 -3.71 14.63 -26.36
N SER A 180 -4.34 15.79 -26.18
CA SER A 180 -3.64 17.07 -26.18
C SER A 180 -3.08 17.43 -24.82
N GLY A 181 -3.31 16.61 -23.80
CA GLY A 181 -2.94 16.93 -22.43
C GLY A 181 -3.94 17.77 -21.67
N LEU A 182 -4.99 18.28 -22.32
CA LEU A 182 -5.99 19.08 -21.63
C LEU A 182 -7.14 18.21 -21.15
N TYR A 183 -7.74 18.60 -20.03
CA TYR A 183 -8.91 17.93 -19.46
C TYR A 183 -10.20 18.57 -19.96
N SER A 184 -11.26 17.77 -20.00
CA SER A 184 -12.62 18.26 -20.13
C SER A 184 -13.52 17.48 -19.18
N LEU A 185 -14.52 18.14 -18.63
CA LEU A 185 -15.53 17.40 -17.87
C LEU A 185 -16.89 18.01 -18.12
N SER A 186 -17.90 17.31 -17.64
CA SER A 186 -19.28 17.75 -17.77
C SER A 186 -19.99 17.62 -16.44
N SER A 187 -20.90 18.56 -16.19
CA SER A 187 -21.82 18.47 -15.07
C SER A 187 -23.24 18.53 -15.62
N VAL A 188 -24.09 17.58 -15.23
CA VAL A 188 -25.47 17.53 -15.67
C VAL A 188 -26.37 17.60 -14.43
N VAL A 189 -27.52 18.26 -14.57
CA VAL A 189 -28.54 18.28 -13.55
C VAL A 189 -29.88 18.00 -14.21
N THR A 190 -30.69 17.15 -13.58
CA THR A 190 -32.05 16.87 -14.00
C THR A 190 -33.01 17.70 -13.17
N VAL A 191 -33.94 18.36 -13.85
CA VAL A 191 -34.89 19.29 -13.22
C VAL A 191 -36.26 19.07 -13.84
N PRO A 192 -37.32 19.56 -13.18
CA PRO A 192 -38.64 19.48 -13.79
C PRO A 192 -38.71 20.32 -15.06
N SER A 193 -39.27 19.73 -16.12
CA SER A 193 -39.54 20.45 -17.36
C SER A 193 -40.36 21.71 -17.12
N SER A 194 -41.32 21.66 -16.19
CA SER A 194 -42.21 22.78 -15.96
C SER A 194 -41.49 24.01 -15.43
N SER A 195 -40.28 23.85 -14.88
CA SER A 195 -39.50 24.95 -14.36
C SER A 195 -38.63 25.63 -15.41
N LEU A 196 -38.49 25.04 -16.60
CA LEU A 196 -37.56 25.57 -17.58
C LEU A 196 -37.89 27.00 -18.00
N GLY A 197 -39.16 27.39 -17.91
CA GLY A 197 -39.54 28.74 -18.27
C GLY A 197 -39.43 29.77 -17.18
N THR A 198 -39.24 29.36 -15.92
CA THR A 198 -39.27 30.29 -14.81
C THR A 198 -38.02 30.25 -13.94
N GLN A 199 -37.41 29.08 -13.76
CA GLN A 199 -36.22 28.93 -12.94
C GLN A 199 -34.98 29.08 -13.80
N THR A 200 -34.13 30.05 -13.45
CA THR A 200 -32.84 30.23 -14.09
C THR A 200 -31.84 29.20 -13.55
N TYR A 201 -31.09 28.56 -14.45
CA TYR A 201 -30.07 27.56 -14.09
C TYR A 201 -28.70 28.06 -14.54
N ILE A 202 -27.76 28.16 -13.61
CA ILE A 202 -26.41 28.65 -13.84
C ILE A 202 -25.43 27.69 -13.19
N CYS A 203 -24.47 27.18 -13.97
CA CYS A 203 -23.37 26.38 -13.41
C CYS A 203 -22.21 27.31 -13.04
N ASN A 204 -21.66 27.12 -11.85
CA ASN A 204 -20.54 27.93 -11.34
C ASN A 204 -19.28 27.07 -11.44
N VAL A 205 -18.44 27.39 -12.42
CA VAL A 205 -17.21 26.66 -12.71
C VAL A 205 -16.05 27.45 -12.12
N ASN A 206 -15.21 26.77 -11.34
CA ASN A 206 -14.05 27.40 -10.71
C ASN A 206 -12.80 26.60 -11.06
N HIS A 207 -11.87 27.24 -11.77
CA HIS A 207 -10.56 26.66 -12.08
C HIS A 207 -9.49 27.52 -11.40
N LYS A 208 -9.20 27.23 -10.12
CA LYS A 208 -8.23 28.04 -9.38
C LYS A 208 -6.84 28.12 -10.01
N PRO A 209 -6.27 27.06 -10.61
CA PRO A 209 -4.92 27.20 -11.18
C PRO A 209 -4.79 28.29 -12.24
N SER A 210 -5.88 28.71 -12.90
CA SER A 210 -5.83 29.85 -13.80
C SER A 210 -6.55 31.07 -13.23
N ASN A 211 -7.03 31.00 -11.99
CA ASN A 211 -7.78 32.07 -11.34
C ASN A 211 -8.98 32.49 -12.21
N THR A 212 -9.70 31.48 -12.69
CA THR A 212 -10.82 31.66 -13.60
C THR A 212 -12.07 31.10 -12.95
N LYS A 213 -13.09 31.96 -12.79
CA LYS A 213 -14.44 31.54 -12.46
C LYS A 213 -15.34 31.85 -13.64
N VAL A 214 -16.23 30.92 -13.99
CA VAL A 214 -17.22 31.16 -15.03
C VAL A 214 -18.58 30.75 -14.48
N ASP A 215 -19.54 31.66 -14.58
CA ASP A 215 -20.93 31.37 -14.24
C ASP A 215 -21.71 31.36 -15.55
N LYS A 216 -22.10 30.17 -15.99
CA LYS A 216 -22.69 29.97 -17.31
C LYS A 216 -24.19 29.73 -17.16
N LYS A 217 -24.98 30.67 -17.68
CA LYS A 217 -26.42 30.48 -17.77
C LYS A 217 -26.74 29.40 -18.81
N VAL A 218 -27.66 28.51 -18.46
CA VAL A 218 -28.07 27.42 -19.32
C VAL A 218 -29.54 27.64 -19.60
N GLU A 219 -29.87 27.99 -20.85
CA GLU A 219 -31.23 28.29 -21.27
C GLU A 219 -31.74 27.24 -22.23
N PRO A 220 -33.06 27.04 -22.28
CA PRO A 220 -33.64 26.19 -23.32
C PRO A 220 -33.35 26.72 -24.71
N LYS A 221 -33.09 25.82 -25.64
CA LYS A 221 -32.75 26.18 -27.02
C LYS A 221 -33.95 26.72 -27.79
N SER B 1 16.33 -11.01 -10.87
CA SER B 1 15.55 -10.48 -9.77
C SER B 1 14.55 -11.51 -9.22
N TYR B 2 14.28 -11.44 -7.92
CA TYR B 2 13.30 -12.35 -7.31
C TYR B 2 11.90 -11.95 -7.73
N VAL B 3 11.10 -12.92 -8.14
CA VAL B 3 9.79 -12.69 -8.74
C VAL B 3 8.69 -13.18 -7.79
N LEU B 4 7.85 -12.25 -7.35
CA LEU B 4 6.60 -12.59 -6.66
C LEU B 4 5.45 -12.54 -7.65
N THR B 5 4.69 -13.63 -7.74
CA THR B 5 3.54 -13.69 -8.64
C THR B 5 2.26 -13.79 -7.81
N GLN B 6 1.36 -12.82 -8.00
CA GLN B 6 0.03 -12.79 -7.40
C GLN B 6 -1.03 -12.89 -8.48
N PRO B 7 -2.18 -13.51 -8.17
CA PRO B 7 -3.31 -13.46 -9.09
C PRO B 7 -3.82 -12.03 -9.23
N PRO B 8 -4.12 -11.58 -10.44
CA PRO B 8 -4.54 -10.18 -10.62
C PRO B 8 -5.84 -9.86 -9.89
N SER B 9 -6.74 -10.83 -9.76
CA SER B 9 -8.03 -10.57 -9.14
C SER B 9 -8.55 -11.83 -8.48
N VAL B 10 -9.28 -11.63 -7.37
CA VAL B 10 -9.95 -12.69 -6.64
C VAL B 10 -11.35 -12.19 -6.29
N SER B 11 -12.35 -13.04 -6.47
CA SER B 11 -13.73 -12.72 -6.16
C SER B 11 -14.29 -13.73 -5.16
N VAL B 12 -15.01 -13.23 -4.16
CA VAL B 12 -15.63 -14.08 -3.14
C VAL B 12 -16.97 -13.49 -2.74
N ALA B 13 -17.85 -14.35 -2.25
CA ALA B 13 -19.14 -13.93 -1.76
C ALA B 13 -19.03 -13.43 -0.33
N PRO B 14 -19.91 -12.52 0.09
CA PRO B 14 -19.84 -12.02 1.47
C PRO B 14 -20.14 -13.13 2.47
N GLY B 15 -19.27 -13.25 3.47
CA GLY B 15 -19.35 -14.31 4.45
C GLY B 15 -18.53 -15.53 4.11
N LYS B 16 -18.05 -15.65 2.88
CA LYS B 16 -17.21 -16.78 2.49
C LYS B 16 -15.74 -16.44 2.76
N THR B 17 -14.88 -17.42 2.53
CA THR B 17 -13.45 -17.27 2.79
C THR B 17 -12.72 -16.96 1.49
N ALA B 18 -11.79 -16.00 1.57
CA ALA B 18 -10.98 -15.58 0.44
C ALA B 18 -9.52 -15.94 0.70
N LYS B 19 -8.82 -16.34 -0.36
CA LYS B 19 -7.42 -16.74 -0.26
C LYS B 19 -6.61 -16.03 -1.33
N ILE B 20 -5.68 -15.18 -0.90
CA ILE B 20 -4.79 -14.43 -1.79
C ILE B 20 -3.41 -15.07 -1.69
N THR B 21 -2.88 -15.50 -2.84
CA THR B 21 -1.61 -16.21 -2.90
C THR B 21 -0.50 -15.29 -3.40
N CYS B 22 0.72 -15.64 -3.01
CA CYS B 22 1.94 -14.92 -3.37
C CYS B 22 2.98 -15.99 -3.68
N GLY B 23 3.25 -16.19 -4.97
CA GLY B 23 4.17 -17.25 -5.37
C GLY B 23 5.60 -16.78 -5.40
N GLY B 24 6.50 -17.70 -5.07
CA GLY B 24 7.91 -17.40 -5.12
C GLY B 24 8.75 -18.65 -4.99
N ASN B 25 9.94 -18.63 -5.57
CA ASN B 25 10.87 -19.76 -5.47
C ASN B 25 11.33 -19.91 -4.03
N ASN B 26 10.83 -20.96 -3.35
CA ASN B 26 11.15 -21.22 -1.95
C ASN B 26 10.84 -20.00 -1.08
N ILE B 27 9.62 -19.48 -1.24
CA ILE B 27 9.21 -18.30 -0.48
C ILE B 27 9.02 -18.64 1.00
N GLY B 28 8.87 -19.93 1.32
CA GLY B 28 8.83 -20.36 2.71
C GLY B 28 10.01 -19.87 3.53
N SER B 29 11.16 -19.65 2.89
CA SER B 29 12.37 -19.21 3.56
C SER B 29 12.44 -17.70 3.76
N LYS B 30 11.50 -16.95 3.20
CA LYS B 30 11.46 -15.51 3.31
C LYS B 30 10.29 -15.08 4.18
N SER B 31 10.49 -14.00 4.93
CA SER B 31 9.42 -13.41 5.72
C SER B 31 8.53 -12.57 4.80
N VAL B 32 7.29 -12.99 4.64
CA VAL B 32 6.35 -12.31 3.74
C VAL B 32 5.53 -11.30 4.53
N HIS B 33 5.46 -10.07 4.01
CA HIS B 33 4.64 -9.01 4.56
C HIS B 33 3.53 -8.67 3.56
N TRP B 34 2.35 -8.34 4.08
CA TRP B 34 1.17 -8.10 3.26
C TRP B 34 0.64 -6.70 3.53
N TYR B 35 0.27 -6.00 2.46
CA TYR B 35 -0.24 -4.65 2.56
C TYR B 35 -1.57 -4.57 1.84
N GLN B 36 -2.54 -3.93 2.47
CA GLN B 36 -3.84 -3.66 1.90
C GLN B 36 -3.91 -2.18 1.52
N GLN B 37 -4.47 -1.90 0.34
CA GLN B 37 -4.60 -0.52 -0.13
C GLN B 37 -5.98 -0.33 -0.73
N LYS B 38 -6.76 0.55 -0.13
CA LYS B 38 -8.04 0.99 -0.63
C LYS B 38 -7.88 2.26 -1.44
N PRO B 39 -8.80 2.52 -2.38
CA PRO B 39 -8.64 3.65 -3.31
C PRO B 39 -8.45 4.98 -2.60
N GLY B 40 -7.49 5.77 -3.09
CA GLY B 40 -7.15 7.05 -2.51
C GLY B 40 -6.31 7.01 -1.25
N GLN B 41 -5.93 5.83 -0.76
CA GLN B 41 -5.21 5.71 0.50
C GLN B 41 -3.84 5.08 0.30
N ALA B 42 -2.93 5.41 1.20
CA ALA B 42 -1.63 4.76 1.25
C ALA B 42 -1.80 3.29 1.64
N PRO B 43 -0.84 2.44 1.26
CA PRO B 43 -0.91 1.04 1.69
C PRO B 43 -0.85 0.92 3.21
N VAL B 44 -1.46 -0.14 3.73
CA VAL B 44 -1.55 -0.38 5.17
C VAL B 44 -1.08 -1.81 5.43
N LEU B 45 -0.19 -1.97 6.41
CA LEU B 45 0.28 -3.30 6.79
C LEU B 45 -0.84 -4.08 7.47
N VAL B 46 -1.11 -5.28 6.96
CA VAL B 46 -2.16 -6.15 7.52
C VAL B 46 -1.64 -7.52 7.95
N MET B 47 -0.39 -7.85 7.66
CA MET B 47 0.20 -9.15 8.01
C MET B 47 1.70 -9.08 7.79
N TYR B 48 2.50 -9.60 8.73
CA TYR B 48 3.94 -9.43 8.63
C TYR B 48 4.67 -10.61 9.28
N TYR B 49 5.83 -10.95 8.73
CA TYR B 49 6.56 -12.17 9.08
C TYR B 49 5.65 -13.38 8.94
N ASP B 50 4.97 -13.43 7.79
CA ASP B 50 4.14 -14.56 7.36
C ASP B 50 2.78 -14.61 8.03
N PHE B 51 2.72 -14.43 9.36
CA PHE B 51 1.46 -14.61 10.06
C PHE B 51 1.25 -13.74 11.30
N ASP B 52 2.12 -12.77 11.60
CA ASP B 52 1.84 -11.83 12.68
C ASP B 52 0.79 -10.81 12.23
N ARG B 53 -0.30 -10.73 13.00
CA ARG B 53 -1.38 -9.81 12.70
C ARG B 53 -1.20 -8.51 13.47
N PRO B 54 -1.08 -7.37 12.79
CA PRO B 54 -0.98 -6.09 13.51
C PRO B 54 -2.19 -5.87 14.41
N SER B 55 -1.98 -5.08 15.46
CA SER B 55 -3.07 -4.67 16.31
C SER B 55 -4.06 -3.80 15.53
N GLY B 56 -5.35 -4.12 15.66
CA GLY B 56 -6.40 -3.41 14.94
C GLY B 56 -6.89 -4.11 13.69
N ILE B 57 -6.21 -5.17 13.26
CA ILE B 57 -6.59 -5.93 12.07
C ILE B 57 -7.50 -7.07 12.52
N PRO B 58 -8.65 -7.28 11.88
CA PRO B 58 -9.60 -8.29 12.36
C PRO B 58 -9.00 -9.69 12.35
N GLU B 59 -9.44 -10.51 13.30
CA GLU B 59 -8.92 -11.88 13.41
C GLU B 59 -9.30 -12.74 12.22
N ARG B 60 -10.21 -12.26 11.35
CA ARG B 60 -10.52 -12.98 10.12
C ARG B 60 -9.31 -13.06 9.20
N PHE B 61 -8.39 -12.09 9.31
CA PHE B 61 -7.16 -12.11 8.55
C PHE B 61 -6.16 -13.07 9.17
N SER B 62 -5.71 -14.05 8.40
CA SER B 62 -4.65 -14.96 8.82
C SER B 62 -3.66 -15.13 7.68
N GLY B 63 -2.40 -15.33 8.05
CA GLY B 63 -1.33 -15.50 7.09
C GLY B 63 -0.69 -16.88 7.19
N SER B 64 -0.15 -17.35 6.06
CA SER B 64 0.56 -18.62 6.01
C SER B 64 1.66 -18.52 4.98
N ASN B 65 2.67 -19.36 5.12
CA ASN B 65 3.81 -19.34 4.20
C ASN B 65 4.53 -20.68 4.31
N SER B 66 4.43 -21.49 3.26
CA SER B 66 5.13 -22.76 3.21
C SER B 66 5.45 -23.10 1.76
N GLY B 67 6.58 -23.75 1.55
CA GLY B 67 6.99 -24.17 0.23
C GLY B 67 7.20 -23.02 -0.73
N ASN B 68 6.31 -22.93 -1.73
CA ASN B 68 6.42 -21.95 -2.80
C ASN B 68 5.22 -21.01 -2.85
N THR B 69 4.45 -20.90 -1.76
CA THR B 69 3.25 -20.08 -1.77
C THR B 69 2.95 -19.56 -0.38
N ALA B 70 3.01 -18.24 -0.23
CA ALA B 70 2.49 -17.55 0.94
C ALA B 70 1.06 -17.10 0.67
N THR B 71 0.18 -17.27 1.64
CA THR B 71 -1.25 -17.06 1.45
C THR B 71 -1.80 -16.13 2.52
N LEU B 72 -2.59 -15.14 2.09
CA LEU B 72 -3.36 -14.30 2.99
C LEU B 72 -4.81 -14.76 2.94
N THR B 73 -5.32 -15.24 4.08
CA THR B 73 -6.65 -15.82 4.17
C THR B 73 -7.56 -14.86 4.92
N ILE B 74 -8.69 -14.53 4.31
CA ILE B 74 -9.70 -13.66 4.90
C ILE B 74 -10.98 -14.47 4.96
N SER B 75 -11.33 -14.97 6.14
CA SER B 75 -12.57 -15.70 6.32
C SER B 75 -13.70 -14.73 6.63
N ARG B 76 -14.92 -15.13 6.27
CA ARG B 76 -16.12 -14.33 6.48
C ARG B 76 -15.93 -12.93 5.90
N VAL B 77 -15.70 -12.88 4.58
CA VAL B 77 -15.31 -11.64 3.93
C VAL B 77 -16.44 -10.62 4.01
N GLU B 78 -16.10 -9.42 4.47
CA GLU B 78 -17.02 -8.29 4.47
C GLU B 78 -16.77 -7.41 3.25
N ALA B 79 -17.74 -6.54 2.97
CA ALA B 79 -17.62 -5.67 1.81
C ALA B 79 -16.47 -4.68 1.97
N GLU B 80 -16.12 -4.34 3.21
CA GLU B 80 -15.03 -3.40 3.45
C GLU B 80 -13.66 -3.99 3.13
N ASP B 81 -13.57 -5.30 2.95
CA ASP B 81 -12.28 -5.91 2.61
C ASP B 81 -11.92 -5.75 1.15
N GLU B 82 -12.84 -5.22 0.34
CA GLU B 82 -12.59 -4.96 -1.07
C GLU B 82 -11.50 -3.91 -1.22
N ALA B 83 -10.35 -4.32 -1.74
CA ALA B 83 -9.17 -3.48 -1.84
C ALA B 83 -8.14 -4.21 -2.67
N ASP B 84 -6.98 -3.58 -2.86
CA ASP B 84 -5.82 -4.23 -3.44
C ASP B 84 -4.91 -4.75 -2.35
N TYR B 85 -4.30 -5.91 -2.57
CA TYR B 85 -3.45 -6.58 -1.59
C TYR B 85 -2.10 -6.89 -2.21
N TYR B 86 -1.03 -6.45 -1.55
CA TYR B 86 0.33 -6.61 -2.05
C TYR B 86 1.14 -7.43 -1.04
N CYS B 87 1.79 -8.48 -1.51
CA CYS B 87 2.79 -9.14 -0.69
C CYS B 87 4.16 -8.51 -0.95
N GLN B 88 5.09 -8.78 -0.04
CA GLN B 88 6.41 -8.14 -0.08
C GLN B 88 7.41 -9.06 0.61
N VAL B 89 8.52 -9.34 -0.05
CA VAL B 89 9.64 -10.02 0.59
C VAL B 89 10.92 -9.22 0.34
N TRP B 90 11.90 -9.49 1.20
CA TRP B 90 13.25 -8.98 1.05
C TRP B 90 14.12 -10.07 0.42
N ASP B 91 14.96 -9.69 -0.52
CA ASP B 91 15.90 -10.61 -1.13
C ASP B 91 17.31 -10.24 -0.68
N SER B 92 18.07 -11.24 -0.24
CA SER B 92 19.34 -10.97 0.40
C SER B 92 20.34 -10.26 -0.51
N ASP B 93 20.06 -10.20 -1.82
CA ASP B 93 20.84 -9.38 -2.75
C ASP B 93 20.55 -7.88 -2.62
N ARG B 94 20.01 -7.44 -1.48
CA ARG B 94 19.84 -6.03 -1.14
C ARG B 94 18.80 -5.32 -2.00
N TYR B 95 17.57 -5.81 -1.99
CA TYR B 95 16.45 -5.07 -2.57
C TYR B 95 15.14 -5.64 -2.08
N TRP B 96 14.15 -4.77 -1.89
CA TRP B 96 12.78 -5.15 -1.58
C TRP B 96 12.02 -5.46 -2.86
N VAL B 97 11.00 -6.32 -2.74
CA VAL B 97 10.18 -6.78 -3.86
C VAL B 97 8.72 -6.76 -3.43
N PHE B 98 7.90 -6.00 -4.15
CA PHE B 98 6.45 -6.08 -4.03
C PHE B 98 5.89 -7.00 -5.11
N GLY B 99 4.88 -7.79 -4.76
CA GLY B 99 4.17 -8.56 -5.75
C GLY B 99 3.31 -7.67 -6.63
N GLY B 100 2.74 -8.28 -7.67
CA GLY B 100 1.95 -7.52 -8.64
C GLY B 100 0.69 -6.91 -8.07
N GLY B 101 0.17 -7.47 -6.98
CA GLY B 101 -1.06 -6.99 -6.39
C GLY B 101 -2.25 -7.83 -6.82
N THR B 102 -3.20 -7.98 -5.89
CA THR B 102 -4.44 -8.72 -6.15
C THR B 102 -5.62 -7.83 -5.80
N LYS B 103 -6.49 -7.61 -6.79
CA LYS B 103 -7.75 -6.92 -6.56
C LYS B 103 -8.74 -7.91 -5.95
N LEU B 104 -9.26 -7.59 -4.77
CA LEU B 104 -10.26 -8.41 -4.11
C LEU B 104 -11.62 -7.77 -4.32
N THR B 105 -12.52 -8.48 -4.99
CA THR B 105 -13.88 -8.02 -5.25
C THR B 105 -14.85 -8.84 -4.41
N VAL B 106 -15.64 -8.15 -3.59
CA VAL B 106 -16.67 -8.80 -2.80
C VAL B 106 -17.96 -8.76 -3.61
N LEU B 107 -18.43 -9.94 -4.02
CA LEU B 107 -19.62 -10.05 -4.84
C LEU B 107 -20.87 -9.75 -4.01
N GLY B 108 -22.03 -9.87 -4.65
CA GLY B 108 -23.31 -9.61 -4.02
C GLY B 108 -24.00 -8.35 -4.48
N GLN B 109 -23.26 -7.40 -5.03
CA GLN B 109 -23.88 -6.17 -5.49
C GLN B 109 -24.72 -6.44 -6.73
N PRO B 110 -25.99 -6.06 -6.75
CA PRO B 110 -26.83 -6.34 -7.92
C PRO B 110 -26.33 -5.61 -9.17
N LYS B 111 -26.40 -6.30 -10.30
CA LYS B 111 -26.15 -5.67 -11.58
C LYS B 111 -27.11 -4.48 -11.79
N ALA B 112 -26.62 -3.47 -12.49
CA ALA B 112 -27.40 -2.27 -12.78
C ALA B 112 -27.05 -1.75 -14.17
N ALA B 113 -28.09 -1.54 -15.01
CA ALA B 113 -27.95 -1.07 -16.39
C ALA B 113 -27.61 0.42 -16.43
N PRO B 114 -26.72 0.83 -17.34
CA PRO B 114 -26.35 2.25 -17.41
C PRO B 114 -27.50 3.13 -17.86
N SER B 115 -27.54 4.33 -17.30
CA SER B 115 -28.38 5.42 -17.79
C SER B 115 -27.52 6.32 -18.67
N VAL B 116 -28.01 6.66 -19.86
CA VAL B 116 -27.22 7.35 -20.88
C VAL B 116 -27.90 8.66 -21.29
N THR B 117 -27.16 9.77 -21.21
CA THR B 117 -27.63 11.06 -21.72
C THR B 117 -26.64 11.57 -22.76
N LEU B 118 -27.15 11.88 -23.97
CA LEU B 118 -26.34 12.37 -25.08
C LEU B 118 -26.70 13.82 -25.41
N PHE B 119 -25.69 14.70 -25.39
CA PHE B 119 -25.92 16.09 -25.73
C PHE B 119 -25.24 16.44 -27.05
N PRO B 120 -25.91 17.21 -27.91
CA PRO B 120 -25.26 17.69 -29.14
C PRO B 120 -24.36 18.88 -28.83
N PRO B 121 -23.50 19.27 -29.77
CA PRO B 121 -22.73 20.50 -29.59
C PRO B 121 -23.63 21.72 -29.43
N SER B 122 -23.22 22.62 -28.52
CA SER B 122 -23.93 23.86 -28.28
C SER B 122 -23.74 24.83 -29.47
N SER B 123 -24.64 25.81 -29.53
CA SER B 123 -24.47 26.91 -30.50
C SER B 123 -23.17 27.67 -30.25
N GLU B 124 -22.82 27.94 -28.98
CA GLU B 124 -21.61 28.71 -28.69
C GLU B 124 -20.38 28.00 -29.23
N GLU B 125 -20.32 26.67 -29.09
CA GLU B 125 -19.14 25.96 -29.55
C GLU B 125 -19.08 25.89 -31.07
N LEU B 126 -20.20 25.56 -31.73
CA LEU B 126 -20.26 25.59 -33.18
C LEU B 126 -19.77 26.94 -33.71
N GLN B 127 -20.28 28.04 -33.16
CA GLN B 127 -19.86 29.37 -33.58
C GLN B 127 -18.41 29.67 -33.24
N ALA B 128 -17.74 28.85 -32.43
CA ALA B 128 -16.31 28.93 -32.25
C ALA B 128 -15.55 27.97 -33.16
N ASN B 129 -16.21 27.43 -34.18
CA ASN B 129 -15.61 26.51 -35.15
C ASN B 129 -15.20 25.19 -34.52
N LYS B 130 -15.91 24.73 -33.49
CA LYS B 130 -15.65 23.44 -32.87
C LYS B 130 -16.96 22.74 -32.55
N ALA B 131 -16.92 21.42 -32.42
CA ALA B 131 -18.11 20.63 -32.11
C ALA B 131 -17.74 19.46 -31.19
N THR B 132 -18.47 19.32 -30.08
CA THR B 132 -18.25 18.22 -29.15
C THR B 132 -19.59 17.59 -28.77
N LEU B 133 -19.69 16.27 -28.95
CA LEU B 133 -20.82 15.50 -28.45
C LEU B 133 -20.45 14.88 -27.10
N VAL B 134 -21.39 14.93 -26.16
CA VAL B 134 -21.15 14.56 -24.77
C VAL B 134 -22.08 13.41 -24.41
N CYS B 135 -21.51 12.23 -24.18
CA CYS B 135 -22.26 11.04 -23.80
C CYS B 135 -21.95 10.72 -22.35
N LEU B 136 -22.94 10.93 -21.47
CA LEU B 136 -22.85 10.76 -20.04
C LEU B 136 -23.51 9.45 -19.64
N ILE B 137 -22.79 8.62 -18.86
CA ILE B 137 -23.16 7.24 -18.57
C ILE B 137 -23.11 7.06 -17.06
N SER B 138 -24.22 6.69 -16.45
CA SER B 138 -24.22 6.65 -14.98
C SER B 138 -24.97 5.42 -14.47
N ASP B 139 -24.74 5.16 -13.18
CA ASP B 139 -25.51 4.19 -12.38
C ASP B 139 -25.41 2.76 -12.89
N PHE B 140 -24.27 2.36 -13.42
CA PHE B 140 -24.10 0.97 -13.82
C PHE B 140 -23.25 0.20 -12.82
N TYR B 141 -23.43 -1.13 -12.81
CA TYR B 141 -22.63 -2.07 -12.05
C TYR B 141 -22.77 -3.43 -12.74
N PRO B 142 -21.66 -4.19 -12.94
CA PRO B 142 -20.27 -3.82 -12.59
C PRO B 142 -19.72 -2.67 -13.41
N GLY B 143 -18.56 -2.19 -12.98
CA GLY B 143 -17.99 -0.97 -13.52
C GLY B 143 -17.15 -1.13 -14.77
N ALA B 144 -17.78 -1.53 -15.87
CA ALA B 144 -17.07 -1.74 -17.13
C ALA B 144 -18.06 -1.58 -18.26
N VAL B 145 -17.85 -0.59 -19.12
CA VAL B 145 -18.68 -0.40 -20.32
C VAL B 145 -17.77 -0.34 -21.53
N THR B 146 -18.38 -0.51 -22.69
CA THR B 146 -17.76 -0.26 -23.97
C THR B 146 -18.62 0.77 -24.69
N VAL B 147 -18.00 1.83 -25.18
CA VAL B 147 -18.70 2.91 -25.88
C VAL B 147 -18.26 2.91 -27.34
N ALA B 148 -19.23 2.94 -28.24
CA ALA B 148 -19.00 3.04 -29.67
C ALA B 148 -19.86 4.17 -30.23
N TRP B 149 -19.28 4.94 -31.14
CA TRP B 149 -19.93 6.08 -31.76
C TRP B 149 -20.25 5.78 -33.22
N LYS B 150 -21.30 6.42 -33.72
CA LYS B 150 -21.74 6.23 -35.10
C LYS B 150 -22.05 7.57 -35.74
N ALA B 151 -21.57 7.75 -36.98
CA ALA B 151 -21.99 8.85 -37.85
C ALA B 151 -23.07 8.29 -38.77
N ASP B 152 -24.29 8.79 -38.63
CA ASP B 152 -25.48 8.14 -39.18
C ASP B 152 -25.54 6.70 -38.68
N SER B 153 -25.26 5.73 -39.55
CA SER B 153 -25.30 4.33 -39.15
C SER B 153 -23.94 3.64 -39.26
N SER B 154 -22.88 4.40 -39.54
CA SER B 154 -21.54 3.86 -39.72
C SER B 154 -20.61 4.26 -38.59
N PRO B 155 -19.71 3.38 -38.17
CA PRO B 155 -18.84 3.70 -37.02
C PRO B 155 -17.84 4.78 -37.38
N VAL B 156 -17.61 5.69 -36.43
CA VAL B 156 -16.63 6.75 -36.63
C VAL B 156 -15.22 6.16 -36.64
N LYS B 157 -14.28 6.97 -37.14
CA LYS B 157 -12.90 6.54 -37.28
C LYS B 157 -11.92 7.29 -36.39
N ALA B 158 -12.36 8.34 -35.70
CA ALA B 158 -11.46 9.16 -34.88
C ALA B 158 -12.28 10.10 -34.01
N GLY B 159 -11.57 10.83 -33.14
CA GLY B 159 -12.16 11.86 -32.30
C GLY B 159 -12.84 11.40 -31.04
N VAL B 160 -12.69 10.14 -30.63
CA VAL B 160 -13.38 9.59 -29.47
C VAL B 160 -12.44 9.55 -28.27
N GLU B 161 -12.88 10.12 -27.15
CA GLU B 161 -12.14 10.07 -25.90
C GLU B 161 -13.11 9.65 -24.80
N THR B 162 -12.84 8.52 -24.17
CA THR B 162 -13.73 7.91 -23.18
C THR B 162 -13.00 7.76 -21.87
N THR B 163 -13.66 8.10 -20.77
CA THR B 163 -13.02 7.96 -19.47
C THR B 163 -13.06 6.50 -19.02
N THR B 164 -12.23 6.20 -18.05
CA THR B 164 -12.42 4.95 -17.34
C THR B 164 -13.60 5.07 -16.40
N PRO B 165 -14.26 3.96 -16.06
CA PRO B 165 -15.35 4.04 -15.09
C PRO B 165 -14.83 4.43 -13.72
N SER B 166 -15.62 5.22 -13.00
CA SER B 166 -15.29 5.63 -11.65
C SER B 166 -16.49 5.36 -10.76
N LYS B 167 -16.21 4.99 -9.52
CA LYS B 167 -17.29 4.64 -8.59
C LYS B 167 -17.99 5.90 -8.10
N GLN B 168 -19.31 5.85 -8.08
CA GLN B 168 -20.14 6.92 -7.58
C GLN B 168 -20.31 6.80 -6.07
N SER B 169 -20.91 7.83 -5.46
CA SER B 169 -21.19 7.78 -4.02
C SER B 169 -22.18 6.67 -3.68
N ASN B 170 -23.04 6.28 -4.61
CA ASN B 170 -24.00 5.20 -4.37
C ASN B 170 -23.43 3.83 -4.72
N ASN B 171 -22.12 3.73 -4.90
CA ASN B 171 -21.37 2.51 -5.17
C ASN B 171 -21.62 1.95 -6.56
N LYS B 172 -22.40 2.63 -7.41
CA LYS B 172 -22.45 2.30 -8.82
C LYS B 172 -21.35 3.09 -9.53
N TYR B 173 -21.24 2.92 -10.85
CA TYR B 173 -20.14 3.53 -11.57
C TYR B 173 -20.68 4.54 -12.58
N ALA B 174 -19.79 5.45 -12.98
CA ALA B 174 -20.07 6.47 -13.98
C ALA B 174 -18.92 6.52 -14.97
N ALA B 175 -19.24 6.91 -16.20
CA ALA B 175 -18.23 7.22 -17.20
C ALA B 175 -18.80 8.27 -18.15
N SER B 176 -17.95 8.77 -19.04
CA SER B 176 -18.41 9.68 -20.07
C SER B 176 -17.50 9.53 -21.29
N SER B 177 -18.06 9.84 -22.44
CA SER B 177 -17.38 9.75 -23.71
C SER B 177 -17.66 11.00 -24.52
N TYR B 178 -16.63 11.49 -25.20
CA TYR B 178 -16.68 12.74 -25.95
C TYR B 178 -16.31 12.44 -27.39
N LEU B 179 -17.09 12.98 -28.33
CA LEU B 179 -16.79 12.87 -29.74
C LEU B 179 -16.49 14.27 -30.26
N SER B 180 -15.28 14.46 -30.78
CA SER B 180 -14.87 15.73 -31.34
C SER B 180 -15.11 15.72 -32.85
N LEU B 181 -15.83 16.72 -33.34
CA LEU B 181 -16.09 16.88 -34.76
C LEU B 181 -15.77 18.31 -35.18
N THR B 182 -15.63 18.50 -36.48
CA THR B 182 -15.74 19.86 -36.97
C THR B 182 -17.21 20.23 -37.10
N PRO B 183 -17.56 21.52 -37.03
CA PRO B 183 -18.96 21.90 -37.24
C PRO B 183 -19.50 21.48 -38.59
N GLU B 184 -18.63 21.28 -39.59
CA GLU B 184 -19.08 20.82 -40.91
C GLU B 184 -19.43 19.34 -40.88
N GLN B 185 -18.65 18.52 -40.17
CA GLN B 185 -19.00 17.11 -40.01
C GLN B 185 -20.30 16.94 -39.25
N TRP B 186 -20.56 17.81 -38.28
CA TRP B 186 -21.79 17.74 -37.50
C TRP B 186 -23.01 18.03 -38.37
N LYS B 187 -22.93 19.04 -39.24
CA LYS B 187 -24.09 19.44 -40.01
C LYS B 187 -24.30 18.60 -41.27
N SER B 188 -23.27 17.86 -41.70
CA SER B 188 -23.37 17.12 -42.96
C SER B 188 -24.04 15.77 -42.80
N HIS B 189 -23.98 15.18 -41.60
CA HIS B 189 -24.63 13.91 -41.37
C HIS B 189 -26.06 14.10 -40.87
N ARG B 190 -26.85 13.05 -40.99
CA ARG B 190 -28.25 13.15 -40.53
C ARG B 190 -28.33 13.06 -39.02
N SER B 191 -27.50 12.23 -38.40
CA SER B 191 -27.49 12.11 -36.95
C SER B 191 -26.18 11.47 -36.50
N TYR B 192 -25.97 11.48 -35.19
CA TYR B 192 -24.87 10.77 -34.54
C TYR B 192 -25.40 9.99 -33.34
N SER B 193 -24.73 8.89 -33.01
CA SER B 193 -25.19 7.98 -31.97
C SER B 193 -24.07 7.59 -31.01
N CYS B 194 -24.43 7.47 -29.74
CA CYS B 194 -23.58 6.91 -28.69
C CYS B 194 -24.16 5.57 -28.24
N GLN B 195 -23.42 4.49 -28.45
CA GLN B 195 -23.81 3.13 -28.07
C GLN B 195 -23.00 2.68 -26.86
N VAL B 196 -23.67 2.44 -25.74
CA VAL B 196 -23.02 1.99 -24.52
C VAL B 196 -23.38 0.52 -24.31
N THR B 197 -22.37 -0.34 -24.31
CA THR B 197 -22.56 -1.77 -24.11
C THR B 197 -22.14 -2.14 -22.69
N HIS B 198 -23.02 -2.86 -21.99
CA HIS B 198 -22.79 -3.20 -20.59
C HIS B 198 -23.34 -4.61 -20.37
N GLU B 199 -22.45 -5.56 -20.10
CA GLU B 199 -22.81 -6.95 -19.84
C GLU B 199 -23.59 -7.54 -21.01
N GLY B 200 -23.13 -7.27 -22.22
CA GLY B 200 -23.75 -7.84 -23.41
C GLY B 200 -24.98 -7.12 -23.91
N SER B 201 -25.47 -6.11 -23.20
CA SER B 201 -26.67 -5.38 -23.58
C SER B 201 -26.32 -3.93 -23.88
N THR B 202 -26.99 -3.35 -24.89
CA THR B 202 -26.60 -2.05 -25.43
C THR B 202 -27.71 -1.02 -25.23
N VAL B 203 -27.31 0.21 -24.94
CA VAL B 203 -28.20 1.36 -24.82
C VAL B 203 -27.66 2.44 -25.74
N GLU B 204 -28.46 2.87 -26.72
CA GLU B 204 -28.01 3.82 -27.72
C GLU B 204 -28.91 5.06 -27.73
N LYS B 205 -28.28 6.23 -27.69
CA LYS B 205 -28.94 7.51 -27.83
C LYS B 205 -28.47 8.18 -29.10
N THR B 206 -29.35 8.96 -29.71
CA THR B 206 -29.10 9.60 -30.99
C THR B 206 -29.46 11.08 -30.91
N VAL B 207 -28.62 11.93 -31.49
CA VAL B 207 -28.93 13.35 -31.65
C VAL B 207 -28.70 13.73 -33.11
N ALA B 208 -29.32 14.82 -33.51
CA ALA B 208 -29.30 15.29 -34.88
C ALA B 208 -29.21 16.81 -34.90
N PRO B 209 -28.62 17.40 -35.94
CA PRO B 209 -28.65 18.86 -36.07
C PRO B 209 -30.07 19.38 -36.04
N THR B 210 -30.26 20.51 -35.35
CA THR B 210 -31.57 21.16 -35.28
C THR B 210 -31.49 22.58 -35.85
N ALA C 3 6.42 -13.52 28.61
CA ALA C 3 7.27 -13.71 29.77
C ALA C 3 8.69 -13.19 29.51
N LYS C 4 8.89 -11.88 29.70
CA LYS C 4 10.18 -11.28 29.45
C LYS C 4 11.23 -11.77 30.45
N VAL C 5 12.48 -11.77 30.01
CA VAL C 5 13.61 -12.19 30.85
C VAL C 5 14.36 -10.96 31.30
N THR C 6 14.47 -10.78 32.62
CA THR C 6 15.19 -9.67 33.22
C THR C 6 16.26 -10.21 34.18
N VAL C 7 16.87 -9.29 34.94
CA VAL C 7 17.90 -9.68 35.90
C VAL C 7 17.34 -10.37 37.13
N ASP C 8 16.03 -10.38 37.31
CA ASP C 8 15.38 -11.03 38.43
C ASP C 8 14.68 -12.33 38.05
N THR C 9 14.93 -12.82 36.84
CA THR C 9 14.27 -14.04 36.37
C THR C 9 14.94 -15.27 36.97
N VAL C 10 14.11 -16.26 37.34
CA VAL C 10 14.60 -17.52 37.86
C VAL C 10 14.59 -18.54 36.72
N CYS C 11 15.77 -18.91 36.25
CA CYS C 11 15.89 -19.92 35.20
C CYS C 11 15.88 -21.28 35.84
N LYS C 12 14.71 -21.92 35.85
CA LYS C 12 14.58 -23.26 36.43
C LYS C 12 15.43 -24.24 35.65
N ARG C 13 16.37 -24.90 36.34
CA ARG C 13 17.31 -25.84 35.74
C ARG C 13 18.20 -25.16 34.70
N GLY C 14 18.41 -23.85 34.85
CA GLY C 14 19.24 -23.09 33.93
C GLY C 14 19.89 -21.89 34.59
N PHE C 15 20.43 -20.98 33.78
CA PHE C 15 21.07 -19.78 34.32
C PHE C 15 20.98 -18.64 33.32
N LEU C 16 21.11 -17.41 33.83
CA LEU C 16 20.99 -16.20 33.03
C LEU C 16 22.26 -15.91 32.24
N ILE C 17 22.09 -15.47 31.00
CA ILE C 17 23.18 -14.94 30.19
C ILE C 17 22.77 -13.59 29.64
N GLN C 18 23.75 -12.75 29.32
CA GLN C 18 23.49 -11.41 28.81
C GLN C 18 24.33 -11.16 27.56
N MET C 19 23.69 -10.61 26.54
CA MET C 19 24.35 -10.22 25.29
C MET C 19 24.23 -8.71 25.12
N SER C 20 24.64 -8.23 23.93
CA SER C 20 24.74 -6.79 23.70
C SER C 20 23.43 -6.07 23.98
N GLY C 21 22.30 -6.72 23.75
CA GLY C 21 21.02 -6.04 23.91
C GLY C 21 19.87 -6.82 24.53
N HIS C 22 20.14 -7.91 25.26
CA HIS C 22 19.06 -8.66 25.91
C HIS C 22 19.66 -9.67 26.89
N LEU C 23 18.77 -10.24 27.70
CA LEU C 23 19.06 -11.33 28.61
C LEU C 23 18.20 -12.54 28.27
N GLU C 24 18.71 -13.72 28.58
CA GLU C 24 17.93 -14.94 28.39
C GLU C 24 18.48 -16.03 29.30
N CYS C 25 17.73 -17.12 29.36
CA CYS C 25 18.09 -18.28 30.17
C CYS C 25 18.79 -19.32 29.30
N LYS C 26 19.91 -19.84 29.79
CA LYS C 26 20.61 -20.95 29.15
C LYS C 26 20.51 -22.17 30.05
N CYS C 27 20.20 -23.32 29.45
CA CYS C 27 19.97 -24.53 30.22
C CYS C 27 21.26 -25.12 30.74
N GLU C 28 21.13 -25.95 31.76
CA GLU C 28 22.25 -26.69 32.32
C GLU C 28 22.35 -28.06 31.65
N ASN C 29 23.59 -28.53 31.46
CA ASN C 29 23.89 -29.90 31.05
C ASN C 29 23.21 -30.17 29.71
N ASP C 30 22.37 -31.21 29.60
CA ASP C 30 21.74 -31.58 28.34
C ASP C 30 20.26 -31.21 28.29
N LEU C 31 19.86 -30.19 29.04
CA LEU C 31 18.46 -29.80 29.10
C LEU C 31 18.11 -28.82 27.98
N VAL C 32 16.81 -28.75 27.66
CA VAL C 32 16.32 -27.87 26.61
C VAL C 32 15.22 -26.97 27.18
N LEU C 33 15.01 -25.85 26.50
CA LEU C 33 14.02 -24.87 26.93
C LEU C 33 12.61 -25.35 26.57
N VAL C 34 11.74 -25.39 27.57
CA VAL C 34 10.31 -25.64 27.34
C VAL C 34 9.56 -24.33 27.13
N ASN C 35 9.85 -23.35 27.98
CA ASN C 35 9.43 -21.97 27.76
C ASN C 35 10.69 -21.11 27.91
N GLU C 36 10.50 -19.80 28.08
CA GLU C 36 11.62 -18.87 28.10
C GLU C 36 12.48 -19.00 29.35
N GLU C 37 11.97 -19.59 30.43
CA GLU C 37 12.74 -19.62 31.67
C GLU C 37 12.66 -20.97 32.39
N THR C 38 12.27 -22.04 31.70
CA THR C 38 12.29 -23.38 32.26
C THR C 38 13.10 -24.29 31.37
N CYS C 39 13.81 -25.23 31.98
CA CYS C 39 14.61 -26.22 31.27
C CYS C 39 14.23 -27.60 31.74
N GLU C 40 14.03 -28.52 30.80
CA GLU C 40 13.66 -29.90 31.10
C GLU C 40 14.45 -30.83 30.21
N GLU C 41 14.41 -32.12 30.56
CA GLU C 41 15.11 -33.14 29.77
C GLU C 41 14.47 -33.27 28.40
N LYS C 42 15.31 -33.40 27.37
CA LYS C 42 14.80 -33.59 26.03
C LYS C 42 14.45 -35.05 25.79
N VAL C 43 13.80 -35.31 24.66
CA VAL C 43 13.48 -36.67 24.22
C VAL C 43 14.17 -36.89 22.88
N LEU C 44 14.96 -37.97 22.80
CA LEU C 44 15.72 -38.25 21.58
C LEU C 44 14.80 -38.70 20.45
N LYS C 45 14.05 -39.77 20.68
CA LYS C 45 13.13 -40.33 19.68
C LYS C 45 11.70 -40.03 20.10
N CYS C 46 11.02 -39.19 19.32
CA CYS C 46 9.59 -38.95 19.55
C CYS C 46 8.82 -40.23 19.26
N ASP C 47 8.04 -40.67 20.22
CA ASP C 47 7.22 -41.88 20.07
C ASP C 47 5.80 -41.53 20.50
N GLU C 48 4.97 -42.55 20.72
CA GLU C 48 3.62 -42.32 21.21
C GLU C 48 3.62 -41.96 22.70
N LYS C 49 4.61 -42.45 23.45
CA LYS C 49 4.74 -42.07 24.85
C LYS C 49 5.33 -40.68 25.02
N THR C 50 6.01 -40.16 24.01
CA THR C 50 6.70 -38.88 24.08
C THR C 50 5.84 -37.70 23.66
N VAL C 51 4.55 -37.93 23.39
CA VAL C 51 3.70 -36.85 22.88
C VAL C 51 3.63 -35.73 23.91
N ASN C 52 3.74 -34.49 23.43
CA ASN C 52 3.74 -33.25 24.22
C ASN C 52 4.97 -33.10 25.11
N LYS C 53 5.99 -34.00 24.96
CA LYS C 53 7.21 -33.86 25.75
C LYS C 53 8.25 -33.08 24.95
N PRO C 54 9.10 -32.32 25.64
CA PRO C 54 10.09 -31.48 24.94
C PRO C 54 11.13 -32.32 24.22
N CYS C 55 11.34 -32.02 22.94
CA CYS C 55 12.35 -32.66 22.11
C CYS C 55 13.41 -31.68 21.63
N GLY C 56 13.49 -30.51 22.25
CA GLY C 56 14.42 -29.48 21.84
C GLY C 56 14.01 -28.14 22.40
N ASP C 57 14.86 -27.15 22.14
CA ASP C 57 14.55 -25.78 22.53
C ASP C 57 13.27 -25.32 21.83
N PHE C 58 12.23 -25.03 22.64
CA PHE C 58 10.94 -24.54 22.15
C PHE C 58 10.30 -25.50 21.15
N SER C 59 10.51 -26.80 21.35
CA SER C 59 9.91 -27.81 20.47
C SER C 59 9.44 -29.01 21.27
N LYS C 60 8.19 -29.38 21.06
CA LYS C 60 7.57 -30.55 21.67
C LYS C 60 7.34 -31.61 20.61
N CYS C 61 7.18 -32.86 21.05
CA CYS C 61 6.76 -33.93 20.16
C CYS C 61 5.26 -33.86 19.97
N ILE C 62 4.80 -33.93 18.71
CA ILE C 62 3.38 -33.94 18.41
C ILE C 62 3.07 -35.20 17.58
N LYS C 63 1.79 -35.54 17.55
CA LYS C 63 1.31 -36.70 16.81
C LYS C 63 0.62 -36.24 15.54
N ILE C 64 1.16 -36.63 14.39
CA ILE C 64 0.57 -36.28 13.11
C ILE C 64 -0.72 -37.07 12.89
N SER C 70 3.13 -40.84 13.01
CA SER C 70 2.50 -39.71 13.68
C SER C 70 3.52 -38.90 14.47
N TYR C 71 4.55 -39.58 14.98
CA TYR C 71 5.53 -38.93 15.84
C TYR C 71 6.39 -37.93 15.04
N ALA C 72 6.56 -36.73 15.60
CA ALA C 72 7.35 -35.69 14.97
C ALA C 72 7.71 -34.63 16.02
N CYS C 73 8.84 -33.96 15.81
CA CYS C 73 9.33 -32.91 16.69
C CYS C 73 9.15 -31.57 16.00
N LYS C 74 8.09 -30.85 16.34
CA LYS C 74 7.75 -29.58 15.71
C LYS C 74 7.97 -28.43 16.69
N CYS C 75 8.30 -27.26 16.15
CA CYS C 75 8.49 -26.08 16.99
C CYS C 75 7.16 -25.61 17.56
N ASN C 76 7.25 -24.92 18.70
CA ASN C 76 6.07 -24.35 19.32
C ASN C 76 5.51 -23.23 18.44
N LEU C 77 4.29 -22.80 18.78
CA LEU C 77 3.66 -21.72 18.03
C LEU C 77 4.47 -20.44 18.15
N GLY C 78 4.66 -19.75 17.02
CA GLY C 78 5.47 -18.56 16.98
C GLY C 78 6.94 -18.80 16.76
N TYR C 79 7.35 -20.06 16.55
CA TYR C 79 8.72 -20.44 16.30
C TYR C 79 8.82 -21.16 14.95
N ASP C 80 9.90 -20.91 14.23
CA ASP C 80 10.19 -21.61 12.98
C ASP C 80 11.50 -22.36 13.12
N MET C 81 11.58 -23.54 12.49
CA MET C 81 12.77 -24.37 12.53
C MET C 81 13.71 -23.90 11.42
N VAL C 82 14.71 -23.09 11.79
CA VAL C 82 15.72 -22.60 10.87
C VAL C 82 17.05 -23.19 11.29
N ASN C 83 17.64 -24.00 10.41
CA ASN C 83 18.92 -24.68 10.67
C ASN C 83 18.85 -25.55 11.93
N ASN C 84 17.82 -26.40 11.98
CA ASN C 84 17.62 -27.39 13.03
C ASN C 84 17.43 -26.77 14.41
N VAL C 85 17.14 -25.47 14.48
CA VAL C 85 16.93 -24.76 15.73
C VAL C 85 15.64 -23.97 15.63
N CYS C 86 14.80 -24.09 16.66
CA CYS C 86 13.54 -23.35 16.72
C CYS C 86 13.83 -21.92 17.16
N ILE C 87 13.58 -20.97 16.26
CA ILE C 87 13.80 -19.55 16.53
C ILE C 87 12.50 -18.81 16.26
N PRO C 88 12.34 -17.60 16.79
CA PRO C 88 11.11 -16.83 16.53
C PRO C 88 10.88 -16.63 15.04
N ASN C 89 9.61 -16.71 14.62
CA ASN C 89 9.31 -16.60 13.20
C ASN C 89 9.77 -15.27 12.62
N GLU C 90 9.82 -14.21 13.43
CA GLU C 90 10.28 -12.92 12.93
C GLU C 90 11.76 -12.92 12.61
N CYS C 91 12.49 -13.93 13.07
CA CYS C 91 13.93 -14.06 12.87
C CYS C 91 14.27 -15.03 11.75
N LYS C 92 13.27 -15.59 11.07
CA LYS C 92 13.49 -16.57 10.02
C LYS C 92 14.52 -16.11 8.98
N GLN C 93 14.54 -14.82 8.64
CA GLN C 93 15.40 -14.32 7.58
C GLN C 93 16.51 -13.41 8.10
N VAL C 94 16.65 -13.26 9.42
CA VAL C 94 17.63 -12.37 10.01
C VAL C 94 18.87 -13.16 10.38
N THR C 95 19.97 -12.93 9.67
CA THR C 95 21.27 -13.45 10.05
C THR C 95 22.09 -12.34 10.70
N CYS C 96 22.79 -12.68 11.79
CA CYS C 96 23.46 -11.67 12.60
C CYS C 96 24.98 -11.77 12.62
N GLY C 97 25.56 -12.93 12.30
CA GLY C 97 26.99 -13.09 12.44
C GLY C 97 27.40 -13.36 13.88
N ASN C 98 28.07 -12.39 14.52
CA ASN C 98 28.52 -12.53 15.91
C ASN C 98 27.40 -12.20 16.89
N GLY C 99 26.34 -13.01 16.84
CA GLY C 99 25.20 -12.79 17.70
C GLY C 99 24.03 -13.62 17.23
N LYS C 100 22.88 -13.38 17.85
CA LYS C 100 21.64 -14.04 17.49
C LYS C 100 20.55 -13.01 17.26
N CYS C 101 19.47 -13.45 16.64
CA CYS C 101 18.31 -12.61 16.42
C CYS C 101 17.31 -12.79 17.56
N ILE C 102 16.82 -11.67 18.09
CA ILE C 102 15.84 -11.67 19.16
C ILE C 102 14.58 -10.95 18.66
N LEU C 103 13.48 -11.23 19.33
CA LEU C 103 12.20 -10.60 19.04
C LEU C 103 12.12 -9.27 19.78
N ASP C 104 12.02 -8.17 19.04
CA ASP C 104 11.89 -6.82 19.59
C ASP C 104 10.41 -6.44 19.65
N THR C 105 9.93 -6.11 20.84
CA THR C 105 8.53 -5.73 21.03
C THR C 105 8.39 -4.27 21.47
N SER C 106 9.40 -3.44 21.23
CA SER C 106 9.33 -2.03 21.63
C SER C 106 8.28 -1.25 20.85
N ASN C 107 7.81 -1.79 19.73
CA ASN C 107 6.79 -1.16 18.92
C ASN C 107 5.63 -2.13 18.73
N PRO C 108 4.42 -1.63 18.49
CA PRO C 108 3.29 -2.54 18.20
C PRO C 108 3.57 -3.55 17.11
N VAL C 109 4.29 -3.16 16.06
CA VAL C 109 4.71 -4.08 15.02
C VAL C 109 6.07 -4.64 15.41
N LYS C 110 6.12 -5.93 15.73
CA LYS C 110 7.34 -6.59 16.17
C LYS C 110 8.35 -6.71 15.04
N THR C 111 9.63 -6.77 15.40
CA THR C 111 10.69 -6.92 14.42
C THR C 111 11.73 -7.91 14.92
N GLY C 112 12.51 -8.46 13.98
CA GLY C 112 13.65 -9.28 14.32
C GLY C 112 14.91 -8.44 14.25
N VAL C 113 15.60 -8.34 15.39
CA VAL C 113 16.78 -7.50 15.53
C VAL C 113 17.91 -8.35 16.11
N CYS C 114 19.14 -7.97 15.77
CA CYS C 114 20.32 -8.69 16.21
C CYS C 114 20.75 -8.25 17.61
N SER C 115 21.09 -9.22 18.46
CA SER C 115 21.74 -8.99 19.74
C SER C 115 23.07 -9.75 19.71
N CYS C 116 24.14 -9.09 20.15
CA CYS C 116 25.49 -9.49 19.76
C CYS C 116 26.30 -10.00 20.94
N ASN C 117 27.34 -10.75 20.61
CA ASN C 117 28.33 -11.22 21.57
C ASN C 117 28.96 -10.03 22.29
N ILE C 118 29.40 -10.26 23.53
CA ILE C 118 30.05 -9.22 24.30
C ILE C 118 31.27 -8.73 23.55
N GLY C 119 31.39 -7.40 23.44
CA GLY C 119 32.38 -6.78 22.59
C GLY C 119 31.85 -6.35 21.25
N LYS C 120 30.72 -6.89 20.81
CA LYS C 120 30.12 -6.55 19.53
C LYS C 120 28.81 -5.82 19.73
N VAL C 121 28.46 -4.97 18.76
CA VAL C 121 27.23 -4.19 18.81
C VAL C 121 26.61 -4.15 17.43
N PRO C 122 25.28 -3.99 17.37
CA PRO C 122 24.63 -3.84 16.05
C PRO C 122 25.24 -2.69 15.27
N ASN C 123 25.78 -3.02 14.10
CA ASN C 123 26.35 -2.03 13.20
C ASN C 123 25.21 -1.44 12.36
N VAL C 124 24.87 -0.16 12.63
CA VAL C 124 23.74 0.48 11.98
C VAL C 124 23.95 0.65 10.48
N GLN C 125 25.20 0.56 10.02
CA GLN C 125 25.54 0.65 8.61
C GLN C 125 25.58 -0.72 7.94
N ASP C 126 25.21 -1.77 8.65
CA ASP C 126 25.26 -3.14 8.14
C ASP C 126 23.99 -3.87 8.58
N GLN C 127 22.85 -3.22 8.40
CA GLN C 127 21.54 -3.78 8.75
C GLN C 127 21.48 -4.21 10.21
N ASN C 128 22.18 -3.44 11.07
CA ASN C 128 22.27 -3.74 12.50
C ASN C 128 22.70 -5.19 12.74
N LYS C 129 23.58 -5.68 11.88
CA LYS C 129 24.24 -6.96 12.11
C LYS C 129 25.43 -6.77 13.05
N CYS C 130 25.87 -7.89 13.62
CA CYS C 130 26.94 -7.86 14.63
C CYS C 130 28.30 -7.82 13.93
N SER C 131 28.62 -6.63 13.41
CA SER C 131 29.86 -6.41 12.68
C SER C 131 30.56 -5.13 13.12
N LYS C 132 30.25 -4.65 14.32
CA LYS C 132 30.88 -3.45 14.88
C LYS C 132 31.32 -3.74 16.30
N ASP C 133 32.55 -3.34 16.63
CA ASP C 133 33.08 -3.48 17.98
C ASP C 133 32.50 -2.40 18.88
N GLY C 134 32.01 -2.81 20.05
CA GLY C 134 31.44 -1.86 20.99
C GLY C 134 31.36 -2.45 22.37
N GLU C 135 31.33 -1.55 23.36
CA GLU C 135 31.29 -1.94 24.76
C GLU C 135 29.90 -2.48 25.13
N THR C 136 29.86 -3.26 26.21
CA THR C 136 28.61 -3.75 26.78
C THR C 136 28.87 -4.00 28.26
N LYS C 137 28.23 -3.23 29.13
CA LYS C 137 28.43 -3.38 30.56
C LYS C 137 27.50 -4.46 31.11
N CYS C 138 28.04 -5.33 31.96
CA CYS C 138 27.25 -6.40 32.54
C CYS C 138 26.32 -5.87 33.61
N SER C 139 25.10 -6.42 33.66
CA SER C 139 24.11 -6.02 34.65
C SER C 139 23.56 -7.19 35.45
N LEU C 140 24.13 -8.38 35.31
CA LEU C 140 23.63 -9.53 36.07
C LEU C 140 23.92 -9.35 37.56
N LYS C 141 23.02 -9.90 38.38
CA LYS C 141 23.15 -9.84 39.84
C LYS C 141 23.80 -11.13 40.33
N CYS C 142 25.14 -11.14 40.31
CA CYS C 142 25.91 -12.31 40.74
C CYS C 142 26.08 -12.24 42.26
N LEU C 143 25.10 -12.78 42.98
CA LEU C 143 25.05 -12.66 44.42
C LEU C 143 25.54 -13.92 45.15
N LYS C 144 25.79 -15.01 44.45
CA LYS C 144 26.27 -16.22 45.10
C LYS C 144 27.71 -16.03 45.56
N GLU C 145 28.13 -16.91 46.47
CA GLU C 145 29.39 -16.72 47.17
C GLU C 145 30.57 -16.94 46.24
N GLN C 146 31.49 -15.97 46.23
CA GLN C 146 32.67 -16.00 45.38
C GLN C 146 32.30 -16.11 43.90
N GLU C 147 31.29 -15.34 43.48
CA GLU C 147 30.90 -15.29 42.07
C GLU C 147 30.85 -13.86 41.58
N THR C 148 31.08 -13.69 40.28
CA THR C 148 31.03 -12.38 39.64
C THR C 148 30.74 -12.56 38.15
N CYS C 149 30.39 -11.45 37.51
CA CYS C 149 30.08 -11.50 36.08
C CYS C 149 31.36 -11.62 35.27
N LYS C 150 31.40 -12.60 34.38
CA LYS C 150 32.52 -12.77 33.47
C LYS C 150 32.00 -12.95 32.04
N ALA C 151 32.88 -12.67 31.07
CA ALA C 151 32.61 -12.90 29.65
C ALA C 151 33.15 -14.27 29.28
N VAL C 152 32.26 -15.24 29.12
CA VAL C 152 32.60 -16.61 28.81
C VAL C 152 31.97 -16.97 27.47
N ASP C 153 32.81 -17.20 26.46
CA ASP C 153 32.37 -17.71 25.16
C ASP C 153 31.40 -16.74 24.48
N GLY C 154 31.65 -15.45 24.64
CA GLY C 154 30.86 -14.43 23.97
C GLY C 154 29.69 -13.89 24.76
N ILE C 155 29.35 -14.49 25.90
CA ILE C 155 28.21 -14.03 26.69
C ILE C 155 28.65 -13.71 28.10
N TYR C 156 27.90 -12.82 28.76
CA TYR C 156 28.08 -12.57 30.18
C TYR C 156 27.33 -13.62 30.99
N LYS C 157 27.91 -13.99 32.13
CA LYS C 157 27.30 -14.96 33.04
C LYS C 157 27.96 -14.83 34.40
N CYS C 158 27.22 -15.20 35.44
CA CYS C 158 27.80 -15.30 36.77
C CYS C 158 28.67 -16.55 36.82
N ASP C 159 29.97 -16.36 37.08
CA ASP C 159 30.95 -17.43 37.17
C ASP C 159 31.84 -17.18 38.38
N CYS C 160 32.72 -18.15 38.66
CA CYS C 160 33.62 -18.05 39.81
C CYS C 160 34.63 -16.93 39.61
N LYS C 161 34.87 -16.17 40.69
CA LYS C 161 35.96 -15.21 40.71
C LYS C 161 37.29 -15.90 40.48
N ASP C 162 38.28 -15.12 40.03
CA ASP C 162 39.59 -15.65 39.68
C ASP C 162 40.21 -16.34 40.88
N GLY C 163 40.69 -17.57 40.66
CA GLY C 163 41.23 -18.39 41.72
C GLY C 163 40.23 -19.32 42.38
N PHE C 164 39.00 -19.39 41.87
CA PHE C 164 37.95 -20.22 42.44
C PHE C 164 37.39 -21.12 41.36
N ILE C 165 37.05 -22.36 41.75
CA ILE C 165 36.44 -23.34 40.86
C ILE C 165 35.25 -23.96 41.59
N ILE C 166 34.31 -24.49 40.82
CA ILE C 166 33.16 -25.18 41.38
C ILE C 166 33.57 -26.60 41.72
N ASP C 167 33.46 -26.96 43.00
CA ASP C 167 33.65 -28.34 43.42
C ASP C 167 32.28 -29.01 43.55
N GLN C 168 32.16 -30.23 43.03
CA GLN C 168 30.87 -30.89 43.01
C GLN C 168 30.43 -31.40 44.38
N GLU C 169 31.28 -31.30 45.40
CA GLU C 169 30.91 -31.69 46.75
C GLU C 169 30.01 -30.66 47.43
N SER C 170 29.77 -29.50 46.80
CA SER C 170 28.97 -28.44 47.38
C SER C 170 28.39 -27.53 46.30
N SER C 171 28.92 -27.62 45.08
CA SER C 171 28.45 -26.84 43.94
C SER C 171 28.55 -25.33 44.20
N ILE C 172 29.66 -24.92 44.82
CA ILE C 172 29.93 -23.51 45.10
C ILE C 172 31.39 -23.23 44.83
N CYS C 173 31.67 -22.04 44.26
CA CYS C 173 33.03 -21.66 43.89
C CYS C 173 33.96 -21.71 45.09
N THR C 174 35.08 -22.44 44.93
CA THR C 174 35.99 -22.75 46.03
C THR C 174 37.43 -22.56 45.59
N GLY C 175 38.25 -22.01 46.47
CA GLY C 175 39.64 -21.73 46.16
C GLY C 175 40.12 -20.53 46.96
N THR C 176 41.12 -19.85 46.40
CA THR C 176 41.72 -18.70 47.10
C THR C 176 41.81 -17.45 46.21
#